data_3H26
#
_entry.id   3H26
#
_cell.length_a   97.899
_cell.length_b   97.899
_cell.length_c   262.880
_cell.angle_alpha   90.00
_cell.angle_beta   90.00
_cell.angle_gamma   120.00
#
_symmetry.space_group_name_H-M   'P 62 2 2'
#
loop_
_entity.id
_entity.type
_entity.pdbx_description
1 polymer 'Dihydropteroate synthase'
2 non-polymer '2-amino-8-methyl-4-oxo-3,4,7,8-tetrahydropteridine-6-carboxylic acid'
3 non-polymer 'SULFATE ION'
4 water water
#
_entity_poly.entity_id   1
_entity_poly.type   'polypeptide(L)'
_entity_poly.pdbx_seq_one_letter_code
;MGSSHHHHHHSSGLVPRGSHMKWDYDLRCGEYTLNLNEKTLIMGILNVTPDSFSDGGSYNEVDAAVRHAKEMRDEGAHII
DIGGESTRPGFAKVSVEEEIKRVVPMIQAVSKEVKLPISIDTYKAEVAKQAIEAGAHIINDIWGAKAEPKIAEVAAHYDV
PIILMHNRDNMNYRNLMADMIADLYDSIKIAKDAGVRDENIILDPGIGFAKTPEQNLEAMRNLEQLNVLGYPVLLGTSRK
SFIGHVLDLPVEERLEGTGATVCLGIEKGCEFVRVHDVKEMSRMAKMMDAMIGKGVK
;
_entity_poly.pdbx_strand_id   A,B
#
# COMPACT_ATOMS: atom_id res chain seq x y z
N LYS A 22 13.48 -40.92 -2.04
CA LYS A 22 13.13 -40.21 -3.31
C LYS A 22 11.62 -40.20 -3.56
N TRP A 23 11.07 -39.00 -3.70
CA TRP A 23 9.68 -38.82 -4.07
C TRP A 23 9.60 -38.89 -5.59
N ASP A 24 8.77 -39.79 -6.12
CA ASP A 24 8.71 -40.01 -7.56
C ASP A 24 7.83 -38.99 -8.29
N TYR A 25 7.40 -37.97 -7.55
CA TYR A 25 6.57 -36.89 -8.09
C TYR A 25 6.94 -35.54 -7.49
N ASP A 26 6.42 -34.48 -8.11
CA ASP A 26 6.60 -33.11 -7.62
C ASP A 26 5.31 -32.60 -6.99
N LEU A 27 5.43 -31.59 -6.15
CA LEU A 27 4.26 -30.99 -5.53
C LEU A 27 3.71 -29.93 -6.48
N ARG A 28 2.58 -30.25 -7.10
CA ARG A 28 1.98 -29.39 -8.12
C ARG A 28 1.09 -28.30 -7.53
N CYS A 29 1.53 -27.06 -7.68
CA CYS A 29 0.80 -25.90 -7.14
C CYS A 29 0.33 -24.95 -8.25
N GLY A 30 -0.27 -25.52 -9.29
CA GLY A 30 -0.78 -24.75 -10.42
C GLY A 30 0.33 -24.02 -11.15
N GLU A 31 0.40 -22.72 -10.92
CA GLU A 31 1.46 -21.89 -11.49
C GLU A 31 2.86 -22.35 -11.03
N TYR A 32 2.98 -22.75 -9.76
CA TYR A 32 4.28 -23.12 -9.19
C TYR A 32 4.43 -24.64 -8.98
N THR A 33 5.68 -25.12 -9.01
CA THR A 33 5.97 -26.53 -8.72
C THR A 33 7.05 -26.61 -7.64
N LEU A 34 6.85 -27.49 -6.67
CA LEU A 34 7.83 -27.68 -5.61
C LEU A 34 8.44 -29.08 -5.64
N ASN A 35 9.75 -29.16 -5.90
CA ASN A 35 10.47 -30.43 -5.87
C ASN A 35 10.80 -30.81 -4.44
N LEU A 36 10.59 -32.08 -4.10
CA LEU A 36 10.74 -32.53 -2.70
C LEU A 36 12.02 -33.31 -2.48
N ASN A 37 12.87 -33.39 -3.49
CA ASN A 37 14.09 -34.16 -3.36
C ASN A 37 15.31 -33.24 -3.22
N GLU A 38 15.17 -32.01 -3.72
CA GLU A 38 16.25 -31.02 -3.71
C GLU A 38 16.62 -30.51 -2.33
N LYS A 39 15.63 -29.96 -1.63
CA LYS A 39 15.87 -29.34 -0.35
C LYS A 39 14.66 -29.48 0.56
N THR A 40 14.88 -29.25 1.86
CA THR A 40 13.79 -29.03 2.79
C THR A 40 13.16 -27.70 2.39
N LEU A 41 11.86 -27.73 2.14
CA LEU A 41 11.11 -26.55 1.71
C LEU A 41 10.70 -25.72 2.93
N ILE A 42 10.80 -24.39 2.82
CA ILE A 42 10.60 -23.52 3.97
C ILE A 42 9.26 -22.80 3.83
N MET A 43 8.36 -23.03 4.77
CA MET A 43 7.10 -22.29 4.82
C MET A 43 7.25 -21.13 5.80
N GLY A 44 7.10 -19.90 5.30
CA GLY A 44 7.22 -18.71 6.12
C GLY A 44 5.87 -18.32 6.69
N ILE A 45 5.81 -18.11 8.01
CA ILE A 45 4.56 -17.72 8.65
C ILE A 45 4.36 -16.22 8.47
N LEU A 46 3.38 -15.84 7.64
CA LEU A 46 3.06 -14.44 7.43
C LEU A 46 2.32 -13.90 8.64
N ASN A 47 2.87 -12.86 9.27
CA ASN A 47 2.22 -12.31 10.45
C ASN A 47 1.37 -11.08 10.13
N VAL A 48 0.10 -11.16 10.51
CA VAL A 48 -0.89 -10.15 10.16
C VAL A 48 -1.35 -9.38 11.41
N THR A 49 -0.70 -8.24 11.68
CA THR A 49 -1.16 -7.35 12.75
C THR A 49 -2.38 -6.61 12.21
N PRO A 50 -3.60 -7.03 12.64
CA PRO A 50 -4.79 -6.56 11.94
C PRO A 50 -5.16 -5.14 12.32
N ASP A 51 -5.54 -4.35 11.33
CA ASP A 51 -6.04 -3.00 11.56
C ASP A 51 -7.24 -3.13 12.50
N SER A 52 -7.12 -2.54 13.69
CA SER A 52 -8.22 -2.57 14.66
C SER A 52 -9.42 -1.79 14.16
N PHE A 53 -9.25 -1.12 13.02
CA PHE A 53 -10.26 -0.19 12.53
C PHE A 53 -11.13 -0.66 11.37
N SER A 54 -10.56 -1.45 10.46
CA SER A 54 -11.35 -2.00 9.35
C SER A 54 -11.79 -3.44 9.63
N ASP A 55 -12.66 -3.97 8.76
CA ASP A 55 -13.02 -5.39 8.78
C ASP A 55 -11.91 -6.21 8.12
N GLY A 56 -11.24 -5.58 7.17
CA GLY A 56 -10.19 -6.20 6.36
C GLY A 56 -10.07 -5.46 5.04
N GLY A 57 -8.90 -5.57 4.41
CA GLY A 57 -8.68 -4.96 3.10
C GLY A 57 -8.01 -3.59 3.09
N SER A 58 -7.98 -2.94 4.25
CA SER A 58 -7.41 -1.60 4.38
C SER A 58 -5.92 -1.59 4.07
N TYR A 59 -5.39 -0.41 3.75
CA TYR A 59 -4.03 -0.28 3.25
C TYR A 59 -2.93 -0.77 4.20
N ASN A 60 -3.02 -0.42 5.48
CA ASN A 60 -1.90 -0.72 6.39
C ASN A 60 -1.64 -2.21 6.60
N GLU A 61 -2.70 -2.98 6.87
CA GLU A 61 -2.55 -4.40 7.11
C GLU A 61 -2.10 -5.17 5.86
N VAL A 62 -2.66 -4.80 4.70
CA VAL A 62 -2.31 -5.48 3.46
C VAL A 62 -0.90 -5.07 2.98
N ASP A 63 -0.56 -3.80 3.14
CA ASP A 63 0.79 -3.32 2.83
C ASP A 63 1.84 -4.02 3.70
N ALA A 64 1.57 -4.11 5.00
CA ALA A 64 2.47 -4.79 5.93
C ALA A 64 2.64 -6.27 5.57
N ALA A 65 1.54 -6.92 5.18
CA ALA A 65 1.55 -8.32 4.77
C ALA A 65 2.38 -8.54 3.50
N VAL A 66 2.20 -7.65 2.53
CA VAL A 66 2.94 -7.72 1.26
C VAL A 66 4.43 -7.54 1.54
N ARG A 67 4.72 -6.49 2.28
CA ARG A 67 6.07 -6.14 2.69
C ARG A 67 6.72 -7.31 3.38
N HIS A 68 5.98 -7.93 4.31
CA HIS A 68 6.48 -9.05 5.07
C HIS A 68 6.64 -10.29 4.21
N ALA A 69 5.67 -10.54 3.33
CA ALA A 69 5.80 -11.61 2.36
C ALA A 69 7.06 -11.43 1.53
N LYS A 70 7.38 -10.19 1.18
CA LYS A 70 8.54 -9.89 0.34
C LYS A 70 9.84 -10.18 1.07
N GLU A 71 9.88 -9.84 2.35
CA GLU A 71 11.05 -10.03 3.16
C GLU A 71 11.37 -11.53 3.23
N MET A 72 10.35 -12.34 3.48
CA MET A 72 10.52 -13.79 3.60
C MET A 72 10.92 -14.44 2.30
N ARG A 73 10.39 -13.93 1.18
CA ARG A 73 10.80 -14.37 -0.14
C ARG A 73 12.31 -14.13 -0.31
N ASP A 74 12.79 -12.97 0.15
CA ASP A 74 14.21 -12.65 0.10
C ASP A 74 15.05 -13.47 1.09
N GLU A 75 14.45 -13.90 2.18
CA GLU A 75 15.18 -14.66 3.20
C GLU A 75 15.28 -16.17 2.89
N GLY A 76 14.69 -16.59 1.77
CA GLY A 76 14.79 -17.97 1.30
C GLY A 76 13.56 -18.84 1.49
N ALA A 77 12.40 -18.21 1.61
CA ALA A 77 11.13 -18.92 1.81
C ALA A 77 10.60 -19.53 0.52
N HIS A 78 9.93 -20.67 0.65
CA HIS A 78 9.38 -21.37 -0.51
C HIS A 78 7.85 -21.33 -0.58
N ILE A 79 7.22 -21.12 0.58
CA ILE A 79 5.76 -20.97 0.66
C ILE A 79 5.48 -19.82 1.62
N ILE A 80 4.41 -19.07 1.36
CA ILE A 80 3.93 -18.08 2.33
C ILE A 80 2.63 -18.58 2.94
N ASP A 81 2.62 -18.76 4.26
CA ASP A 81 1.42 -19.22 4.97
C ASP A 81 0.61 -18.04 5.46
N ILE A 82 -0.65 -17.98 5.05
CA ILE A 82 -1.49 -16.82 5.33
C ILE A 82 -2.81 -17.22 5.97
N GLY A 83 -3.14 -16.54 7.07
CA GLY A 83 -4.38 -16.73 7.81
C GLY A 83 -4.02 -16.68 9.28
N GLY A 84 -5.01 -16.89 10.14
CA GLY A 84 -4.80 -16.89 11.60
C GLY A 84 -5.53 -15.74 12.29
N SER A 95 -16.07 -14.09 13.01
CA SER A 95 -15.76 -15.36 12.36
C SER A 95 -16.35 -15.48 10.95
N VAL A 96 -16.19 -16.67 10.36
CA VAL A 96 -16.52 -16.98 8.95
C VAL A 96 -16.66 -15.77 8.01
N GLU A 97 -17.83 -15.13 8.04
CA GLU A 97 -18.12 -13.96 7.21
C GLU A 97 -16.92 -13.04 7.02
N GLU A 98 -16.20 -12.82 8.12
CA GLU A 98 -15.08 -11.89 8.15
C GLU A 98 -13.70 -12.55 8.24
N GLU A 99 -13.66 -13.87 8.32
CA GLU A 99 -12.42 -14.58 8.02
C GLU A 99 -12.06 -14.28 6.57
N ILE A 100 -13.07 -14.32 5.71
CA ILE A 100 -12.90 -14.06 4.28
C ILE A 100 -12.43 -12.61 4.03
N LYS A 101 -13.14 -11.65 4.61
CA LYS A 101 -12.84 -10.22 4.43
C LYS A 101 -11.42 -9.84 4.88
N ARG A 102 -10.90 -10.52 5.90
CA ARG A 102 -9.52 -10.30 6.33
C ARG A 102 -8.53 -10.94 5.36
N VAL A 103 -8.81 -12.19 4.97
CA VAL A 103 -7.80 -13.03 4.32
C VAL A 103 -7.74 -12.88 2.79
N VAL A 104 -8.90 -12.68 2.16
CA VAL A 104 -8.97 -12.58 0.70
C VAL A 104 -8.12 -11.43 0.13
N PRO A 105 -8.25 -10.20 0.67
CA PRO A 105 -7.43 -9.09 0.17
C PRO A 105 -5.92 -9.28 0.36
N MET A 106 -5.54 -10.05 1.39
CA MET A 106 -4.13 -10.34 1.61
C MET A 106 -3.58 -11.28 0.55
N ILE A 107 -4.37 -12.29 0.18
CA ILE A 107 -3.93 -13.25 -0.84
C ILE A 107 -3.87 -12.59 -2.21
N GLN A 108 -4.92 -11.83 -2.55
CA GLN A 108 -4.94 -11.01 -3.76
C GLN A 108 -3.66 -10.20 -3.92
N ALA A 109 -3.31 -9.44 -2.89
CA ALA A 109 -2.13 -8.57 -2.93
C ALA A 109 -0.81 -9.33 -2.98
N VAL A 110 -0.70 -10.41 -2.19
CA VAL A 110 0.55 -11.15 -2.07
C VAL A 110 0.87 -12.00 -3.31
N SER A 111 -0.11 -12.73 -3.81
CA SER A 111 0.07 -13.52 -5.03
C SER A 111 0.41 -12.61 -6.21
N LYS A 112 -0.28 -11.47 -6.25
CA LYS A 112 -0.03 -10.42 -7.23
C LYS A 112 1.41 -9.91 -7.15
N GLU A 113 1.91 -9.70 -5.93
CA GLU A 113 3.20 -9.03 -5.75
C GLU A 113 4.39 -9.93 -5.40
N VAL A 114 4.14 -11.16 -4.97
CA VAL A 114 5.20 -12.09 -4.61
C VAL A 114 5.03 -13.44 -5.31
N LYS A 115 6.01 -13.81 -6.13
CA LYS A 115 5.97 -15.03 -6.94
C LYS A 115 6.29 -16.27 -6.12
N LEU A 116 5.31 -16.73 -5.34
CA LEU A 116 5.49 -17.89 -4.46
C LEU A 116 4.16 -18.56 -4.18
N PRO A 117 4.16 -19.88 -3.92
CA PRO A 117 2.90 -20.48 -3.54
C PRO A 117 2.46 -20.01 -2.16
N ILE A 118 1.17 -19.71 -2.07
CA ILE A 118 0.57 -19.30 -0.82
C ILE A 118 -0.28 -20.44 -0.32
N SER A 119 -0.06 -20.81 0.93
CA SER A 119 -0.97 -21.71 1.61
C SER A 119 -1.95 -20.87 2.40
N ILE A 120 -3.20 -21.34 2.47
CA ILE A 120 -4.24 -20.69 3.27
C ILE A 120 -4.47 -21.47 4.57
N ASP A 121 -4.41 -20.73 5.67
CA ASP A 121 -4.46 -21.28 7.02
C ASP A 121 -5.88 -21.18 7.57
N THR A 122 -6.71 -22.18 7.24
CA THR A 122 -8.08 -22.25 7.73
C THR A 122 -8.56 -23.69 7.86
N TYR A 123 -9.56 -23.91 8.72
CA TYR A 123 -10.22 -25.19 8.81
C TYR A 123 -11.65 -25.13 8.26
N LYS A 124 -12.01 -23.96 7.72
CA LYS A 124 -13.37 -23.70 7.24
C LYS A 124 -13.47 -23.87 5.73
N ALA A 125 -14.48 -24.61 5.29
CA ALA A 125 -14.63 -24.98 3.89
C ALA A 125 -14.84 -23.77 2.98
N GLU A 126 -15.68 -22.84 3.44
CA GLU A 126 -16.03 -21.66 2.67
C GLU A 126 -14.85 -20.72 2.48
N VAL A 127 -14.09 -20.52 3.55
CA VAL A 127 -12.88 -19.70 3.53
C VAL A 127 -11.89 -20.28 2.51
N ALA A 128 -11.66 -21.58 2.62
CA ALA A 128 -10.76 -22.31 1.73
C ALA A 128 -11.08 -22.02 0.26
N LYS A 129 -12.35 -22.17 -0.11
CA LYS A 129 -12.79 -21.88 -1.47
C LYS A 129 -12.42 -20.46 -1.88
N GLN A 130 -12.86 -19.48 -1.09
CA GLN A 130 -12.60 -18.06 -1.37
C GLN A 130 -11.14 -17.73 -1.57
N ALA A 131 -10.29 -18.30 -0.72
CA ALA A 131 -8.85 -18.07 -0.73
C ALA A 131 -8.17 -18.62 -1.98
N ILE A 132 -8.50 -19.87 -2.32
CA ILE A 132 -8.04 -20.49 -3.57
C ILE A 132 -8.57 -19.68 -4.76
N GLU A 133 -9.82 -19.22 -4.64
CA GLU A 133 -10.42 -18.36 -5.66
C GLU A 133 -9.69 -17.02 -5.72
N ALA A 134 -9.14 -16.60 -4.58
CA ALA A 134 -8.42 -15.34 -4.49
C ALA A 134 -6.96 -15.46 -4.93
N GLY A 135 -6.50 -16.70 -5.12
CA GLY A 135 -5.13 -16.95 -5.61
C GLY A 135 -4.26 -17.84 -4.75
N ALA A 136 -4.81 -18.41 -3.68
CA ALA A 136 -4.06 -19.31 -2.78
C ALA A 136 -3.90 -20.70 -3.40
N HIS A 137 -2.78 -21.36 -3.12
CA HIS A 137 -2.43 -22.63 -3.79
C HIS A 137 -2.51 -23.90 -2.92
N ILE A 138 -2.32 -23.76 -1.62
CA ILE A 138 -2.29 -24.93 -0.76
C ILE A 138 -3.29 -24.75 0.37
N ILE A 139 -3.92 -25.82 0.81
CA ILE A 139 -4.74 -25.73 2.01
C ILE A 139 -3.92 -26.16 3.24
N ASN A 140 -4.10 -25.40 4.31
CA ASN A 140 -3.45 -25.66 5.58
C ASN A 140 -4.48 -25.80 6.70
N ASP A 141 -4.85 -27.05 6.99
CA ASP A 141 -5.96 -27.34 7.89
C ASP A 141 -5.48 -27.92 9.21
N ILE A 142 -5.59 -27.11 10.26
CA ILE A 142 -5.18 -27.51 11.61
C ILE A 142 -6.10 -28.57 12.20
N TRP A 143 -7.17 -28.89 11.48
CA TRP A 143 -8.10 -29.93 11.91
C TRP A 143 -8.15 -31.13 10.98
N GLY A 144 -7.24 -31.17 10.01
CA GLY A 144 -7.13 -32.29 9.08
C GLY A 144 -8.46 -32.84 8.59
N ALA A 145 -9.32 -31.92 8.13
CA ALA A 145 -10.65 -32.23 7.56
C ALA A 145 -11.70 -32.74 8.56
N LYS A 146 -11.38 -32.72 9.84
CA LYS A 146 -12.32 -33.18 10.87
C LYS A 146 -13.26 -32.07 11.36
N ALA A 147 -12.78 -30.82 11.33
CA ALA A 147 -13.61 -29.67 11.67
C ALA A 147 -14.72 -29.48 10.64
N GLU A 148 -14.33 -29.35 9.38
CA GLU A 148 -15.28 -29.24 8.28
C GLU A 148 -14.88 -30.20 7.16
N PRO A 149 -15.47 -31.41 7.15
CA PRO A 149 -15.14 -32.46 6.19
C PRO A 149 -15.27 -31.96 4.76
N LYS A 150 -16.22 -31.04 4.57
CA LYS A 150 -16.46 -30.37 3.29
C LYS A 150 -15.22 -29.74 2.66
N ILE A 151 -14.23 -29.38 3.49
CA ILE A 151 -13.01 -28.73 2.99
C ILE A 151 -12.24 -29.66 2.03
N ALA A 152 -12.23 -30.95 2.34
CA ALA A 152 -11.54 -31.94 1.52
C ALA A 152 -12.13 -31.96 0.11
N GLU A 153 -13.41 -31.65 0.00
CA GLU A 153 -14.09 -31.57 -1.29
C GLU A 153 -13.66 -30.32 -2.06
N VAL A 154 -13.46 -29.21 -1.34
CA VAL A 154 -12.91 -28.00 -1.94
C VAL A 154 -11.51 -28.33 -2.44
N ALA A 155 -10.70 -28.94 -1.57
CA ALA A 155 -9.37 -29.42 -1.91
C ALA A 155 -9.41 -30.33 -3.14
N ALA A 156 -10.36 -31.27 -3.15
CA ALA A 156 -10.56 -32.17 -4.27
C ALA A 156 -10.96 -31.39 -5.52
N HIS A 157 -11.93 -30.49 -5.37
CA HIS A 157 -12.46 -29.72 -6.48
C HIS A 157 -11.41 -28.88 -7.23
N TYR A 158 -10.77 -27.95 -6.51
CA TYR A 158 -9.73 -27.11 -7.08
C TYR A 158 -8.41 -27.86 -7.28
N ASP A 159 -8.34 -29.07 -6.75
CA ASP A 159 -7.21 -29.96 -7.00
C ASP A 159 -5.93 -29.46 -6.30
N VAL A 160 -6.09 -28.70 -5.22
CA VAL A 160 -4.95 -28.14 -4.53
C VAL A 160 -4.35 -29.14 -3.51
N PRO A 161 -3.05 -28.98 -3.19
CA PRO A 161 -2.49 -29.77 -2.10
C PRO A 161 -3.11 -29.36 -0.78
N ILE A 162 -3.52 -30.32 0.04
CA ILE A 162 -4.04 -30.04 1.37
C ILE A 162 -3.14 -30.64 2.46
N ILE A 163 -2.78 -29.81 3.44
CA ILE A 163 -1.99 -30.26 4.58
C ILE A 163 -2.93 -30.71 5.68
N LEU A 164 -2.87 -32.00 6.02
CA LEU A 164 -3.69 -32.54 7.10
C LEU A 164 -2.87 -32.61 8.39
N MET A 165 -3.22 -31.76 9.35
CA MET A 165 -2.48 -31.69 10.61
C MET A 165 -3.18 -32.52 11.67
N HIS A 166 -2.39 -33.14 12.54
CA HIS A 166 -2.94 -33.90 13.66
C HIS A 166 -3.52 -32.97 14.72
N ASN A 167 -4.74 -33.27 15.16
CA ASN A 167 -5.44 -32.52 16.20
C ASN A 167 -6.59 -33.31 16.81
N ARG A 168 -6.97 -32.94 18.03
CA ARG A 168 -8.13 -33.52 18.72
C ARG A 168 -8.61 -32.60 19.84
N ASP A 169 -9.83 -32.85 20.31
CA ASP A 169 -10.32 -32.22 21.53
C ASP A 169 -10.20 -33.19 22.70
N ASN A 170 -8.98 -33.37 23.19
CA ASN A 170 -8.66 -34.23 24.33
C ASN A 170 -7.24 -34.73 24.20
N MET A 171 -6.68 -35.27 25.28
CA MET A 171 -5.37 -35.90 25.22
C MET A 171 -5.38 -37.24 25.93
N ASN A 172 -6.50 -37.94 25.79
CA ASN A 172 -6.62 -39.29 26.30
C ASN A 172 -5.92 -40.24 25.34
N TYR A 173 -4.64 -39.96 25.11
CA TYR A 173 -3.81 -40.83 24.32
C TYR A 173 -3.56 -42.12 25.08
N ARG A 174 -3.97 -43.22 24.46
CA ARG A 174 -3.57 -44.53 24.89
C ARG A 174 -2.08 -44.69 24.57
N ASN A 175 -1.70 -44.36 23.34
CA ASN A 175 -0.31 -44.39 22.92
C ASN A 175 -0.04 -43.32 21.89
N LEU A 176 0.54 -42.21 22.35
CA LEU A 176 0.74 -41.02 21.53
C LEU A 176 0.96 -41.33 20.05
N MET A 177 2.07 -41.99 19.73
CA MET A 177 2.46 -42.20 18.34
C MET A 177 1.51 -43.10 17.56
N ALA A 178 1.03 -44.17 18.21
CA ALA A 178 0.06 -45.07 17.61
C ALA A 178 -1.26 -44.35 17.32
N ASP A 179 -1.67 -43.52 18.27
CA ASP A 179 -2.89 -42.72 18.15
C ASP A 179 -2.77 -41.59 17.13
N MET A 180 -1.62 -40.90 17.15
CA MET A 180 -1.30 -39.86 16.18
C MET A 180 -1.42 -40.39 14.76
N ILE A 181 -0.75 -41.52 14.50
CA ILE A 181 -0.78 -42.16 13.20
C ILE A 181 -2.20 -42.64 12.85
N ALA A 182 -2.89 -43.23 13.83
CA ALA A 182 -4.29 -43.61 13.67
C ALA A 182 -5.14 -42.40 13.28
N ASP A 183 -4.98 -41.30 14.02
CA ASP A 183 -5.75 -40.08 13.81
C ASP A 183 -5.49 -39.45 12.44
N LEU A 184 -4.21 -39.31 12.11
CA LEU A 184 -3.82 -38.77 10.82
C LEU A 184 -4.43 -39.62 9.73
N TYR A 185 -4.43 -40.93 9.93
CA TYR A 185 -4.99 -41.79 8.93
C TYR A 185 -6.50 -41.55 8.71
N ASP A 186 -7.23 -41.31 9.80
CA ASP A 186 -8.64 -40.94 9.71
C ASP A 186 -8.85 -39.67 8.89
N SER A 187 -7.87 -38.78 8.93
CA SER A 187 -7.90 -37.57 8.10
C SER A 187 -7.76 -37.93 6.63
N ILE A 188 -6.77 -38.79 6.35
CA ILE A 188 -6.49 -39.27 4.99
C ILE A 188 -7.72 -39.94 4.37
N LYS A 189 -8.40 -40.77 5.15
CA LYS A 189 -9.63 -41.41 4.71
C LYS A 189 -10.62 -40.37 4.20
N ILE A 190 -10.90 -39.36 5.03
CA ILE A 190 -11.84 -38.29 4.67
C ILE A 190 -11.43 -37.59 3.38
N ALA A 191 -10.16 -37.25 3.27
CA ALA A 191 -9.61 -36.59 2.09
C ALA A 191 -9.81 -37.45 0.85
N LYS A 192 -9.25 -38.66 0.88
CA LYS A 192 -9.30 -39.59 -0.27
C LYS A 192 -10.71 -39.91 -0.72
N ASP A 193 -11.61 -40.10 0.25
CA ASP A 193 -13.03 -40.37 0.00
C ASP A 193 -13.72 -39.22 -0.70
N ALA A 194 -13.14 -38.02 -0.60
CA ALA A 194 -13.71 -36.82 -1.23
C ALA A 194 -13.07 -36.52 -2.60
N GLY A 195 -12.17 -37.38 -3.06
CA GLY A 195 -11.53 -37.22 -4.37
C GLY A 195 -10.08 -36.75 -4.36
N VAL A 196 -9.56 -36.38 -3.19
CA VAL A 196 -8.18 -35.90 -3.06
C VAL A 196 -7.16 -36.98 -3.48
N ARG A 197 -6.31 -36.65 -4.44
CA ARG A 197 -5.25 -37.55 -4.91
C ARG A 197 -4.17 -37.69 -3.84
N ASP A 198 -3.61 -38.89 -3.71
CA ASP A 198 -2.50 -39.13 -2.79
C ASP A 198 -1.44 -38.04 -2.90
N GLU A 199 -1.17 -37.60 -4.12
CA GLU A 199 -0.13 -36.61 -4.39
C GLU A 199 -0.49 -35.18 -3.99
N ASN A 200 -1.74 -34.97 -3.60
CA ASN A 200 -2.12 -33.69 -3.00
C ASN A 200 -2.27 -33.75 -1.47
N ILE A 201 -1.72 -34.79 -0.85
CA ILE A 201 -1.79 -34.96 0.61
C ILE A 201 -0.43 -34.78 1.28
N ILE A 202 -0.38 -33.87 2.25
CA ILE A 202 0.79 -33.66 3.10
C ILE A 202 0.32 -33.87 4.54
N LEU A 203 1.18 -34.50 5.34
CA LEU A 203 0.82 -34.73 6.73
C LEU A 203 1.62 -33.83 7.65
N ASP A 204 1.14 -33.69 8.87
CA ASP A 204 1.76 -32.82 9.86
C ASP A 204 1.42 -33.35 11.23
N PRO A 205 2.44 -33.58 12.07
CA PRO A 205 2.25 -34.15 13.41
C PRO A 205 1.47 -33.24 14.36
N GLY A 206 1.36 -31.96 14.01
CA GLY A 206 0.62 -30.98 14.81
C GLY A 206 1.22 -30.73 16.17
N ILE A 207 2.47 -30.27 16.20
CA ILE A 207 3.15 -29.95 17.46
C ILE A 207 2.48 -28.77 18.16
N GLY A 208 2.27 -28.90 19.47
CA GLY A 208 1.63 -27.87 20.27
C GLY A 208 0.12 -27.92 20.25
N PHE A 209 -0.44 -28.94 19.62
CA PHE A 209 -1.89 -29.14 19.56
C PHE A 209 -2.28 -30.44 20.22
N ALA A 210 -3.20 -30.35 21.19
CA ALA A 210 -3.70 -31.52 21.93
C ALA A 210 -2.58 -32.41 22.47
N LYS A 211 -1.49 -31.78 22.92
CA LYS A 211 -0.30 -32.49 23.37
C LYS A 211 0.38 -31.71 24.48
N THR A 212 0.59 -32.39 25.61
CA THR A 212 1.33 -31.83 26.74
C THR A 212 2.77 -31.56 26.33
N PRO A 213 3.50 -30.73 27.11
CA PRO A 213 4.92 -30.51 26.85
C PRO A 213 5.72 -31.79 26.60
N GLU A 214 5.49 -32.84 27.39
CA GLU A 214 6.21 -34.12 27.22
C GLU A 214 5.79 -34.88 25.97
N GLN A 215 4.49 -34.88 25.68
CA GLN A 215 4.01 -35.51 24.47
C GLN A 215 4.60 -34.88 23.21
N ASN A 216 4.74 -33.55 23.21
CA ASN A 216 5.39 -32.86 22.08
C ASN A 216 6.81 -33.33 21.85
N LEU A 217 7.57 -33.45 22.95
CA LEU A 217 8.93 -34.00 22.92
C LEU A 217 8.96 -35.42 22.39
N GLU A 218 8.00 -36.23 22.85
CA GLU A 218 7.87 -37.62 22.42
C GLU A 218 7.58 -37.69 20.92
N ALA A 219 6.70 -36.82 20.44
CA ALA A 219 6.40 -36.70 19.01
C ALA A 219 7.66 -36.32 18.25
N MET A 220 8.41 -35.36 18.80
CA MET A 220 9.66 -34.92 18.17
C MET A 220 10.63 -36.08 18.02
N ARG A 221 10.75 -36.86 19.08
CA ARG A 221 11.66 -37.97 19.19
C ARG A 221 11.27 -39.14 18.27
N ASN A 222 9.99 -39.20 17.87
CA ASN A 222 9.50 -40.31 17.05
C ASN A 222 8.94 -39.87 15.69
N LEU A 223 9.32 -38.68 15.25
CA LEU A 223 8.82 -38.15 13.98
C LEU A 223 8.92 -39.13 12.81
N GLU A 224 10.04 -39.86 12.76
CA GLU A 224 10.32 -40.78 11.65
C GLU A 224 9.18 -41.77 11.36
N GLN A 225 8.41 -42.09 12.40
CA GLN A 225 7.27 -43.02 12.28
C GLN A 225 6.16 -42.54 11.35
N LEU A 226 6.00 -41.23 11.21
CA LEU A 226 4.99 -40.70 10.30
C LEU A 226 5.28 -41.05 8.84
N ASN A 227 6.54 -41.36 8.54
CA ASN A 227 6.93 -41.73 7.17
C ASN A 227 6.33 -43.02 6.63
N VAL A 228 5.96 -43.96 7.50
CA VAL A 228 5.37 -45.19 7.01
C VAL A 228 4.04 -44.95 6.28
N LEU A 229 3.43 -43.79 6.49
CA LEU A 229 2.16 -43.51 5.82
C LEU A 229 2.31 -43.18 4.33
N GLY A 230 3.52 -42.80 3.93
CA GLY A 230 3.86 -42.64 2.50
C GLY A 230 3.64 -41.26 1.90
N TYR A 231 3.46 -40.27 2.77
CA TYR A 231 3.21 -38.89 2.37
C TYR A 231 4.28 -37.94 2.88
N PRO A 232 4.51 -36.84 2.13
CA PRO A 232 5.40 -35.81 2.64
C PRO A 232 4.93 -35.29 4.00
N VAL A 233 5.88 -34.97 4.87
CA VAL A 233 5.55 -34.43 6.17
C VAL A 233 6.05 -33.00 6.33
N LEU A 234 5.16 -32.15 6.84
CA LEU A 234 5.51 -30.78 7.23
C LEU A 234 5.56 -30.71 8.76
N LEU A 235 6.52 -29.94 9.27
CA LEU A 235 6.67 -29.74 10.70
C LEU A 235 6.60 -28.25 11.05
N GLY A 236 5.75 -27.93 12.01
CA GLY A 236 5.63 -26.56 12.51
C GLY A 236 5.92 -26.55 14.00
N THR A 237 7.09 -26.04 14.36
CA THR A 237 7.48 -25.99 15.77
C THR A 237 7.97 -24.59 16.15
N SER A 238 7.90 -23.66 15.21
CA SER A 238 8.45 -22.32 15.38
C SER A 238 7.99 -21.64 16.68
N ARG A 239 8.96 -21.31 17.54
CA ARG A 239 8.74 -20.51 18.76
C ARG A 239 7.71 -21.03 19.80
N LYS A 240 7.29 -22.28 19.70
CA LYS A 240 6.15 -22.79 20.50
C LYS A 240 6.46 -23.06 21.99
N SER A 241 5.40 -23.30 22.78
CA SER A 241 5.47 -23.52 24.23
C SER A 241 6.49 -24.57 24.68
N PHE A 242 6.45 -25.76 24.08
CA PHE A 242 7.34 -26.85 24.52
C PHE A 242 8.83 -26.47 24.45
N ILE A 243 9.16 -25.55 23.55
CA ILE A 243 10.53 -24.98 23.48
C ILE A 243 10.78 -24.11 24.69
N GLY A 244 9.82 -23.24 24.99
CA GLY A 244 9.85 -22.42 26.20
C GLY A 244 9.92 -23.28 27.44
N HIS A 245 9.13 -24.36 27.46
CA HIS A 245 9.12 -25.30 28.58
C HIS A 245 10.50 -25.90 28.87
N VAL A 246 11.21 -26.29 27.82
CA VAL A 246 12.51 -26.93 27.96
C VAL A 246 13.56 -25.90 28.38
N LEU A 247 13.63 -24.80 27.63
CA LEU A 247 14.68 -23.80 27.80
C LEU A 247 14.37 -22.77 28.88
N ASP A 248 13.11 -22.74 29.32
CA ASP A 248 12.59 -21.70 30.22
C ASP A 248 12.91 -20.30 29.68
N LEU A 249 12.29 -19.98 28.55
CA LEU A 249 12.57 -18.77 27.78
C LEU A 249 11.31 -18.26 27.04
N PRO A 250 11.12 -16.93 26.99
CA PRO A 250 9.94 -16.39 26.33
C PRO A 250 10.00 -16.51 24.80
N VAL A 251 8.83 -16.33 24.17
CA VAL A 251 8.65 -16.51 22.71
C VAL A 251 9.72 -15.83 21.84
N GLU A 252 10.08 -14.59 22.17
CA GLU A 252 11.08 -13.84 21.40
C GLU A 252 12.50 -14.35 21.62
N GLU A 253 12.64 -15.36 22.47
CA GLU A 253 13.93 -15.96 22.79
C GLU A 253 14.01 -17.43 22.38
N ARG A 254 13.30 -17.82 21.33
CA ARG A 254 13.20 -19.24 21.01
C ARG A 254 13.82 -19.67 19.69
N LEU A 255 14.73 -18.84 19.16
CA LEU A 255 15.34 -19.08 17.86
C LEU A 255 16.18 -20.37 17.83
N GLU A 256 17.09 -20.52 18.81
CA GLU A 256 17.93 -21.71 18.93
C GLU A 256 17.10 -22.96 19.18
N GLY A 257 16.13 -22.85 20.10
CA GLY A 257 15.19 -23.94 20.36
C GLY A 257 14.47 -24.36 19.09
N THR A 258 13.95 -23.40 18.35
CA THR A 258 13.32 -23.67 17.05
C THR A 258 14.29 -24.39 16.11
N GLY A 259 15.49 -23.82 15.98
CA GLY A 259 16.53 -24.40 15.12
C GLY A 259 16.70 -25.88 15.38
N ALA A 260 16.89 -26.23 16.65
CA ALA A 260 17.09 -27.62 17.07
C ALA A 260 15.94 -28.52 16.64
N THR A 261 14.70 -28.04 16.80
CA THR A 261 13.53 -28.82 16.35
C THR A 261 13.51 -29.01 14.83
N VAL A 262 13.93 -27.99 14.10
CA VAL A 262 13.98 -28.03 12.64
C VAL A 262 15.03 -29.02 12.15
N CYS A 263 16.16 -29.08 12.86
CA CYS A 263 17.25 -29.99 12.51
C CYS A 263 16.85 -31.43 12.72
N LEU A 264 16.31 -31.73 13.90
CA LEU A 264 15.87 -33.09 14.18
C LEU A 264 14.79 -33.46 13.17
N GLY A 265 13.83 -32.56 12.96
CA GLY A 265 12.79 -32.74 11.95
C GLY A 265 13.32 -33.14 10.58
N ILE A 266 14.32 -32.41 10.09
CA ILE A 266 14.96 -32.76 8.83
C ILE A 266 15.67 -34.11 8.94
N GLU A 267 16.42 -34.34 10.02
CA GLU A 267 17.08 -35.62 10.19
C GLU A 267 16.06 -36.77 10.19
N LYS A 268 14.91 -36.54 10.80
CA LYS A 268 13.86 -37.55 10.87
C LYS A 268 12.99 -37.63 9.63
N GLY A 269 13.36 -36.90 8.58
CA GLY A 269 12.79 -37.10 7.24
C GLY A 269 11.69 -36.18 6.76
N CYS A 270 11.38 -35.12 7.50
CA CYS A 270 10.29 -34.23 7.07
C CYS A 270 10.67 -33.38 5.84
N GLU A 271 9.66 -32.93 5.09
CA GLU A 271 9.86 -32.31 3.78
C GLU A 271 9.76 -30.77 3.76
N PHE A 272 8.94 -30.23 4.66
CA PHE A 272 8.80 -28.80 4.83
C PHE A 272 8.90 -28.49 6.31
N VAL A 273 9.33 -27.25 6.62
CA VAL A 273 9.18 -26.72 7.97
C VAL A 273 8.46 -25.37 7.93
N ARG A 274 7.55 -25.17 8.89
CA ARG A 274 6.78 -23.95 9.02
C ARG A 274 7.37 -23.06 10.11
N VAL A 275 8.00 -21.97 9.70
CA VAL A 275 8.82 -21.16 10.64
C VAL A 275 8.57 -19.65 10.55
N HIS A 276 8.87 -18.93 11.64
CA HIS A 276 8.82 -17.47 11.64
C HIS A 276 10.11 -16.86 11.09
N ASP A 277 11.24 -17.45 11.48
CA ASP A 277 12.55 -16.88 11.18
C ASP A 277 13.15 -17.51 9.93
N VAL A 278 12.73 -16.99 8.77
CA VAL A 278 13.05 -17.59 7.49
C VAL A 278 14.55 -17.58 7.18
N LYS A 279 15.19 -16.41 7.32
CA LYS A 279 16.63 -16.31 7.14
C LYS A 279 17.41 -17.35 7.99
N GLU A 280 17.13 -17.39 9.28
CA GLU A 280 17.89 -18.28 10.18
C GLU A 280 17.65 -19.77 9.89
N MET A 281 16.38 -20.13 9.73
CA MET A 281 15.98 -21.53 9.52
C MET A 281 16.36 -22.04 8.14
N SER A 282 16.35 -21.16 7.15
CA SER A 282 16.81 -21.49 5.81
C SER A 282 18.24 -21.98 5.84
N ARG A 283 19.09 -21.29 6.59
CA ARG A 283 20.49 -21.65 6.69
C ARG A 283 20.72 -22.95 7.44
N MET A 284 19.91 -23.20 8.46
CA MET A 284 20.02 -24.46 9.19
C MET A 284 19.51 -25.59 8.32
N ALA A 285 18.34 -25.38 7.72
CA ALA A 285 17.78 -26.33 6.75
C ALA A 285 18.79 -26.71 5.68
N LYS A 286 19.45 -25.71 5.11
CA LYS A 286 20.39 -25.94 4.00
C LYS A 286 21.61 -26.73 4.47
N MET A 287 22.13 -26.40 5.66
CA MET A 287 23.26 -27.14 6.22
C MET A 287 22.86 -28.58 6.54
N MET A 288 21.67 -28.77 7.12
CA MET A 288 21.16 -30.12 7.34
C MET A 288 21.08 -30.90 6.03
N ASP A 289 20.45 -30.28 5.02
CA ASP A 289 20.31 -30.89 3.70
C ASP A 289 21.64 -31.41 3.18
N ALA A 290 22.65 -30.56 3.19
CA ALA A 290 23.99 -30.95 2.75
C ALA A 290 24.50 -32.17 3.51
N MET A 291 24.39 -32.12 4.84
CA MET A 291 24.91 -33.19 5.67
C MET A 291 24.15 -34.49 5.46
N ILE A 292 22.82 -34.46 5.47
CA ILE A 292 22.08 -35.72 5.33
C ILE A 292 22.05 -36.23 3.89
N GLY A 293 22.36 -35.35 2.94
CA GLY A 293 22.46 -35.73 1.53
C GLY A 293 21.16 -35.56 0.76
N LYS A 294 20.42 -34.50 1.07
CA LYS A 294 19.24 -34.13 0.30
C LYS A 294 19.64 -33.12 -0.78
N HIS B 9 7.96 43.08 8.89
CA HIS B 9 7.73 41.96 7.93
C HIS B 9 9.01 41.14 7.77
N HIS B 10 8.87 39.88 7.37
CA HIS B 10 10.04 39.01 7.24
C HIS B 10 10.72 39.00 5.87
N SER B 11 10.04 39.53 4.87
CA SER B 11 10.62 39.70 3.54
C SER B 11 9.97 40.88 2.84
N SER B 12 10.42 41.17 1.62
CA SER B 12 9.79 42.19 0.79
C SER B 12 9.03 41.57 -0.37
N GLY B 13 9.47 40.38 -0.80
CA GLY B 13 8.82 39.63 -1.88
C GLY B 13 9.69 39.54 -3.12
N LEU B 14 9.17 40.04 -4.24
CA LEU B 14 9.94 40.15 -5.48
C LEU B 14 10.89 41.32 -5.43
N VAL B 15 12.16 41.06 -5.79
CA VAL B 15 13.22 42.04 -5.59
C VAL B 15 14.32 42.02 -6.65
N PRO B 16 14.75 43.22 -7.11
CA PRO B 16 16.01 43.45 -7.82
C PRO B 16 17.16 42.54 -7.36
N MET B 21 15.79 40.22 -10.78
CA MET B 21 14.50 39.95 -10.15
C MET B 21 14.43 38.57 -9.51
N LYS B 22 14.54 38.54 -8.19
CA LYS B 22 14.51 37.30 -7.41
C LYS B 22 13.53 37.42 -6.24
N TRP B 23 12.87 36.32 -5.88
CA TRP B 23 12.14 36.24 -4.61
C TRP B 23 13.17 36.26 -3.49
N ASP B 24 12.90 36.98 -2.40
CA ASP B 24 13.88 37.07 -1.31
C ASP B 24 13.53 36.19 -0.10
N TYR B 25 12.65 35.23 -0.34
CA TYR B 25 12.29 34.22 0.65
C TYR B 25 12.02 32.89 -0.06
N ASP B 26 12.15 31.79 0.68
CA ASP B 26 11.77 30.48 0.17
C ASP B 26 10.37 30.14 0.65
N LEU B 27 9.76 29.17 0.00
CA LEU B 27 8.47 28.65 0.42
C LEU B 27 8.77 27.57 1.45
N ARG B 28 8.60 27.90 2.73
CA ARG B 28 8.86 26.93 3.79
C ARG B 28 7.67 26.00 3.96
N CYS B 29 7.93 24.70 3.84
CA CYS B 29 6.91 23.66 3.91
C CYS B 29 7.34 22.55 4.85
N GLY B 30 7.39 22.85 6.16
CA GLY B 30 7.76 21.85 7.16
C GLY B 30 9.21 21.41 7.04
N GLU B 31 9.43 20.12 6.79
CA GLU B 31 10.78 19.62 6.61
C GLU B 31 11.30 19.91 5.19
N TYR B 32 10.42 20.38 4.32
CA TYR B 32 10.78 20.72 2.95
C TYR B 32 10.82 22.23 2.74
N THR B 33 11.73 22.68 1.89
CA THR B 33 11.86 24.08 1.57
C THR B 33 11.91 24.22 0.06
N LEU B 34 11.03 25.05 -0.50
CA LEU B 34 10.94 25.20 -1.94
C LEU B 34 11.52 26.53 -2.42
N ASN B 35 12.60 26.45 -3.20
CA ASN B 35 13.23 27.62 -3.78
C ASN B 35 12.47 28.07 -5.03
N LEU B 36 12.14 29.35 -5.06
CA LEU B 36 11.29 29.93 -6.09
C LEU B 36 12.11 30.53 -7.23
N ASN B 37 13.43 30.44 -7.13
CA ASN B 37 14.33 31.12 -8.06
C ASN B 37 15.13 30.19 -8.98
N GLU B 38 15.34 28.95 -8.54
CA GLU B 38 16.15 27.99 -9.32
C GLU B 38 15.36 27.41 -10.49
N LYS B 39 14.08 27.12 -10.26
CA LYS B 39 13.28 26.48 -11.31
C LYS B 39 11.79 26.73 -11.19
N THR B 40 11.08 26.46 -12.28
CA THR B 40 9.65 26.33 -12.20
C THR B 40 9.36 25.04 -11.44
N LEU B 41 8.58 25.17 -10.37
CA LEU B 41 8.22 24.02 -9.54
C LEU B 41 7.03 23.28 -10.15
N ILE B 42 7.15 21.97 -10.20
CA ILE B 42 6.16 21.12 -10.85
C ILE B 42 5.27 20.51 -9.80
N MET B 43 3.97 20.78 -9.90
CA MET B 43 2.99 20.15 -9.02
C MET B 43 2.31 19.00 -9.74
N GLY B 44 2.57 17.78 -9.29
CA GLY B 44 1.99 16.60 -9.92
C GLY B 44 0.61 16.31 -9.37
N ILE B 45 -0.34 16.12 -10.27
CA ILE B 45 -1.71 15.80 -9.88
C ILE B 45 -1.82 14.31 -9.58
N LEU B 46 -2.04 13.99 -8.30
CA LEU B 46 -2.22 12.60 -7.92
C LEU B 46 -3.54 12.05 -8.42
N ASN B 47 -3.46 10.90 -9.08
CA ASN B 47 -4.62 10.17 -9.59
C ASN B 47 -5.43 9.58 -8.44
N VAL B 48 -6.65 10.07 -8.25
CA VAL B 48 -7.44 9.74 -7.04
C VAL B 48 -8.43 8.56 -7.20
N THR B 49 -9.07 8.46 -8.37
CA THR B 49 -10.10 7.43 -8.64
C THR B 49 -11.25 7.47 -7.60
N PRO B 50 -11.88 8.65 -7.42
CA PRO B 50 -12.84 8.87 -6.33
C PRO B 50 -14.15 8.10 -6.53
N ASP B 55 -15.19 2.16 -0.57
CA ASP B 55 -14.42 3.32 -0.13
C ASP B 55 -13.53 2.99 1.06
N GLY B 56 -13.00 4.03 1.70
CA GLY B 56 -12.15 3.89 2.88
C GLY B 56 -10.69 3.97 2.50
N GLY B 57 -9.84 3.35 3.30
CA GLY B 57 -8.43 3.26 2.99
C GLY B 57 -8.06 1.90 2.41
N SER B 58 -8.96 1.34 1.60
CA SER B 58 -8.75 0.04 0.97
C SER B 58 -7.38 -0.05 0.30
N TYR B 59 -6.77 -1.23 0.35
CA TYR B 59 -5.43 -1.45 -0.17
C TYR B 59 -5.23 -0.93 -1.60
N ASN B 60 -6.20 -1.23 -2.47
CA ASN B 60 -6.12 -0.90 -3.90
C ASN B 60 -5.95 0.59 -4.19
N GLU B 61 -6.78 1.43 -3.58
CA GLU B 61 -6.67 2.87 -3.73
C GLU B 61 -5.29 3.35 -3.31
N VAL B 62 -4.97 3.09 -2.04
CA VAL B 62 -3.82 3.74 -1.41
C VAL B 62 -2.50 3.25 -2.00
N ASP B 63 -2.41 1.95 -2.28
CA ASP B 63 -1.26 1.42 -2.99
C ASP B 63 -1.12 2.05 -4.37
N ALA B 64 -2.24 2.21 -5.07
CA ALA B 64 -2.23 2.82 -6.41
C ALA B 64 -1.82 4.29 -6.34
N ALA B 65 -2.21 4.97 -5.27
CA ALA B 65 -1.85 6.37 -5.06
C ALA B 65 -0.37 6.53 -4.75
N VAL B 66 0.16 5.63 -3.93
CA VAL B 66 1.58 5.62 -3.55
C VAL B 66 2.45 5.35 -4.78
N ARG B 67 2.15 4.27 -5.50
CA ARG B 67 2.88 3.91 -6.73
C ARG B 67 2.97 5.12 -7.66
N HIS B 68 1.82 5.79 -7.86
CA HIS B 68 1.74 6.95 -8.74
C HIS B 68 2.51 8.16 -8.22
N ALA B 69 2.37 8.44 -6.92
CA ALA B 69 3.15 9.50 -6.28
C ALA B 69 4.65 9.21 -6.43
N LYS B 70 5.03 7.93 -6.30
CA LYS B 70 6.42 7.52 -6.51
C LYS B 70 6.86 7.76 -7.95
N GLU B 71 5.94 7.54 -8.87
CA GLU B 71 6.22 7.66 -10.30
C GLU B 71 6.49 9.11 -10.70
N MET B 72 5.62 10.02 -10.25
CA MET B 72 5.78 11.45 -10.51
C MET B 72 7.02 12.03 -9.85
N ARG B 73 7.30 11.57 -8.62
CA ARG B 73 8.53 11.95 -7.93
C ARG B 73 9.73 11.55 -8.79
N ASP B 74 9.71 10.30 -9.27
CA ASP B 74 10.74 9.85 -10.21
C ASP B 74 10.76 10.69 -11.49
N GLU B 75 9.61 11.21 -11.90
CA GLU B 75 9.53 11.94 -13.17
C GLU B 75 9.87 13.44 -13.13
N GLY B 76 10.01 14.00 -11.93
CA GLY B 76 10.49 15.38 -11.78
C GLY B 76 9.55 16.33 -11.04
N ALA B 77 8.57 15.76 -10.35
CA ALA B 77 7.59 16.53 -9.57
C ALA B 77 8.22 17.07 -8.28
N HIS B 78 7.76 18.24 -7.86
CA HIS B 78 8.28 18.90 -6.67
C HIS B 78 7.23 18.96 -5.55
N ILE B 79 5.97 18.86 -5.94
CA ILE B 79 4.84 18.81 -5.02
C ILE B 79 3.87 17.74 -5.54
N ILE B 80 3.18 17.06 -4.63
CA ILE B 80 2.10 16.15 -4.99
C ILE B 80 0.77 16.72 -4.50
N ASP B 81 -0.16 16.91 -5.42
CA ASP B 81 -1.47 17.47 -5.10
C ASP B 81 -2.48 16.33 -4.96
N ILE B 82 -3.09 16.23 -3.78
CA ILE B 82 -4.01 15.13 -3.48
C ILE B 82 -5.38 15.71 -3.17
N GLY B 83 -6.37 15.38 -4.00
CA GLY B 83 -7.68 16.02 -3.89
C GLY B 83 -8.90 15.18 -4.17
N GLY B 84 -9.63 14.86 -3.10
CA GLY B 84 -10.81 13.99 -3.16
C GLY B 84 -11.98 14.53 -3.96
N GLU B 85 -12.43 13.73 -4.93
CA GLU B 85 -13.49 14.08 -5.89
C GLU B 85 -13.11 15.25 -6.79
N VAL B 94 -21.79 13.49 -0.63
CA VAL B 94 -20.56 13.11 0.08
C VAL B 94 -19.93 14.34 0.74
N SER B 95 -19.93 14.32 2.07
CA SER B 95 -19.57 15.48 2.88
C SER B 95 -18.19 15.38 3.51
N VAL B 96 -17.85 16.39 4.31
CA VAL B 96 -16.65 16.44 5.14
C VAL B 96 -16.30 15.08 5.73
N GLU B 97 -17.29 14.42 6.35
CA GLU B 97 -17.10 13.13 7.00
C GLU B 97 -16.43 12.10 6.09
N GLU B 98 -16.97 11.94 4.87
CA GLU B 98 -16.43 10.99 3.89
C GLU B 98 -15.16 11.46 3.19
N GLU B 99 -15.11 12.74 2.83
CA GLU B 99 -13.95 13.29 2.11
C GLU B 99 -12.66 13.07 2.89
N ILE B 100 -12.74 13.13 4.22
CA ILE B 100 -11.62 12.83 5.09
C ILE B 100 -11.27 11.33 5.03
N LYS B 101 -12.29 10.47 5.10
CA LYS B 101 -12.10 9.02 4.99
C LYS B 101 -11.32 8.65 3.73
N ARG B 102 -11.66 9.31 2.62
CA ARG B 102 -10.97 9.08 1.35
C ARG B 102 -9.56 9.67 1.35
N VAL B 103 -9.42 10.91 1.82
CA VAL B 103 -8.19 11.67 1.59
C VAL B 103 -7.07 11.41 2.60
N VAL B 104 -7.41 11.24 3.87
CA VAL B 104 -6.38 11.11 4.92
C VAL B 104 -5.47 9.88 4.75
N PRO B 105 -6.04 8.65 4.62
CA PRO B 105 -5.16 7.50 4.40
C PRO B 105 -4.15 7.72 3.26
N MET B 106 -4.57 8.49 2.25
CA MET B 106 -3.71 8.88 1.13
C MET B 106 -2.54 9.76 1.54
N ILE B 107 -2.81 10.77 2.38
CA ILE B 107 -1.75 11.65 2.88
C ILE B 107 -0.79 10.90 3.80
N GLN B 108 -1.35 10.19 4.78
CA GLN B 108 -0.57 9.37 5.69
C GLN B 108 0.43 8.54 4.88
N ALA B 109 -0.10 7.79 3.90
CA ALA B 109 0.71 6.85 3.13
C ALA B 109 1.71 7.51 2.18
N VAL B 110 1.29 8.57 1.49
CA VAL B 110 2.16 9.25 0.52
C VAL B 110 3.31 10.01 1.20
N SER B 111 3.02 10.76 2.24
CA SER B 111 4.05 11.47 3.02
C SER B 111 5.04 10.50 3.64
N LYS B 112 4.52 9.41 4.19
CA LYS B 112 5.33 8.36 4.80
C LYS B 112 6.29 7.71 3.80
N GLU B 113 5.92 7.68 2.52
CA GLU B 113 6.67 6.92 1.53
C GLU B 113 7.30 7.70 0.39
N VAL B 114 6.82 8.92 0.16
CA VAL B 114 7.39 9.78 -0.88
C VAL B 114 7.84 11.09 -0.23
N LYS B 115 9.15 11.27 -0.16
CA LYS B 115 9.71 12.46 0.48
C LYS B 115 9.60 13.66 -0.44
N LEU B 116 8.43 14.30 -0.40
CA LEU B 116 8.11 15.50 -1.17
C LEU B 116 6.99 16.22 -0.41
N PRO B 117 6.92 17.56 -0.52
CA PRO B 117 5.74 18.20 0.07
C PRO B 117 4.44 17.83 -0.65
N ILE B 118 3.38 17.60 0.13
CA ILE B 118 2.05 17.31 -0.38
C ILE B 118 1.16 18.53 -0.22
N SER B 119 0.37 18.84 -1.25
CA SER B 119 -0.73 19.78 -1.08
C SER B 119 -2.06 19.04 -1.03
N ILE B 120 -2.96 19.52 -0.18
CA ILE B 120 -4.32 19.01 -0.11
C ILE B 120 -5.29 19.89 -0.91
N ASP B 121 -5.88 19.30 -1.94
CA ASP B 121 -6.87 19.99 -2.77
C ASP B 121 -8.24 19.94 -2.11
N THR B 122 -8.51 20.94 -1.28
CA THR B 122 -9.82 21.11 -0.68
C THR B 122 -10.15 22.60 -0.58
N TYR B 123 -11.40 22.90 -0.22
CA TYR B 123 -11.80 24.27 0.08
C TYR B 123 -12.48 24.32 1.43
N LYS B 124 -12.54 23.16 2.07
CA LYS B 124 -13.20 23.01 3.36
C LYS B 124 -12.17 23.12 4.48
N ALA B 125 -12.54 23.85 5.53
CA ALA B 125 -11.65 24.07 6.66
C ALA B 125 -11.32 22.76 7.37
N GLU B 126 -12.36 22.04 7.78
CA GLU B 126 -12.21 20.80 8.53
C GLU B 126 -11.33 19.78 7.79
N VAL B 127 -11.51 19.69 6.48
CA VAL B 127 -10.75 18.75 5.65
C VAL B 127 -9.27 19.13 5.63
N ALA B 128 -9.01 20.41 5.46
CA ALA B 128 -7.64 20.95 5.41
C ALA B 128 -6.88 20.70 6.72
N LYS B 129 -7.56 20.88 7.84
CA LYS B 129 -6.94 20.66 9.15
C LYS B 129 -6.48 19.21 9.28
N GLN B 130 -7.42 18.29 9.11
CA GLN B 130 -7.17 16.84 9.11
C GLN B 130 -5.99 16.51 8.22
N ALA B 131 -6.10 16.96 6.98
CA ALA B 131 -5.11 16.72 5.94
C ALA B 131 -3.72 17.13 6.40
N ILE B 132 -3.61 18.33 6.98
CA ILE B 132 -2.36 18.85 7.53
C ILE B 132 -1.86 18.00 8.71
N GLU B 133 -2.78 17.67 9.61
CA GLU B 133 -2.49 16.76 10.72
C GLU B 133 -2.11 15.38 10.21
N ALA B 134 -2.67 15.01 9.06
CA ALA B 134 -2.36 13.73 8.40
C ALA B 134 -0.99 13.77 7.71
N GLY B 135 -0.42 14.96 7.60
CA GLY B 135 0.91 15.12 7.02
C GLY B 135 0.99 16.06 5.83
N ALA B 136 -0.13 16.67 5.46
CA ALA B 136 -0.17 17.60 4.33
C ALA B 136 0.56 18.89 4.64
N HIS B 137 1.11 19.52 3.61
CA HIS B 137 2.00 20.66 3.77
C HIS B 137 1.43 21.97 3.25
N ILE B 138 0.57 21.90 2.25
CA ILE B 138 0.07 23.08 1.55
C ILE B 138 -1.45 22.97 1.36
N ILE B 139 -2.17 24.05 1.65
CA ILE B 139 -3.60 24.08 1.39
C ILE B 139 -3.84 24.58 -0.03
N ASN B 140 -4.56 23.78 -0.81
CA ASN B 140 -4.88 24.14 -2.18
C ASN B 140 -6.38 24.38 -2.38
N ASP B 141 -6.77 25.65 -2.30
CA ASP B 141 -8.17 26.04 -2.25
C ASP B 141 -8.65 26.69 -3.53
N ILE B 142 -9.54 25.98 -4.23
CA ILE B 142 -10.12 26.45 -5.48
C ILE B 142 -11.15 27.56 -5.25
N TRP B 143 -11.38 27.92 -4.00
CA TRP B 143 -12.28 29.03 -3.68
C TRP B 143 -11.56 30.17 -2.96
N GLY B 144 -10.24 30.07 -2.87
CA GLY B 144 -9.40 31.14 -2.32
C GLY B 144 -9.92 31.73 -1.02
N ALA B 145 -10.30 30.84 -0.11
CA ALA B 145 -10.85 31.19 1.22
C ALA B 145 -12.24 31.82 1.19
N LYS B 146 -12.88 31.84 0.02
CA LYS B 146 -14.22 32.42 -0.08
C LYS B 146 -15.32 31.39 0.20
N ALA B 147 -14.99 30.11 0.00
CA ALA B 147 -15.93 29.03 0.29
C ALA B 147 -16.11 28.85 1.79
N GLU B 148 -14.99 28.71 2.50
CA GLU B 148 -15.02 28.50 3.93
C GLU B 148 -13.92 29.32 4.61
N PRO B 149 -14.16 30.64 4.78
CA PRO B 149 -13.15 31.57 5.28
C PRO B 149 -12.32 31.04 6.44
N LYS B 150 -12.94 30.25 7.32
CA LYS B 150 -12.24 29.61 8.44
C LYS B 150 -11.03 28.77 8.03
N ILE B 151 -10.92 28.47 6.73
CA ILE B 151 -9.76 27.74 6.19
C ILE B 151 -8.48 28.58 6.30
N ALA B 152 -8.62 29.89 6.26
CA ALA B 152 -7.49 30.79 6.42
C ALA B 152 -6.94 30.75 7.85
N GLU B 153 -7.82 30.51 8.81
CA GLU B 153 -7.42 30.34 10.21
C GLU B 153 -6.64 29.05 10.41
N VAL B 154 -6.98 28.03 9.62
CA VAL B 154 -6.25 26.76 9.63
C VAL B 154 -4.85 26.97 9.06
N ALA B 155 -4.79 27.68 7.92
CA ALA B 155 -3.53 28.03 7.29
C ALA B 155 -2.64 28.83 8.23
N ALA B 156 -3.21 29.87 8.84
CA ALA B 156 -2.50 30.70 9.80
C ALA B 156 -2.05 29.91 11.02
N HIS B 157 -2.91 29.01 11.50
CA HIS B 157 -2.59 28.19 12.68
C HIS B 157 -1.42 27.26 12.45
N TYR B 158 -1.43 26.55 11.33
CA TYR B 158 -0.37 25.61 11.00
C TYR B 158 0.77 26.29 10.26
N ASP B 159 0.59 27.57 9.92
CA ASP B 159 1.63 28.36 9.28
C ASP B 159 2.08 27.71 7.97
N VAL B 160 1.10 27.23 7.19
CA VAL B 160 1.39 26.55 5.92
C VAL B 160 1.02 27.40 4.70
N PRO B 161 1.76 27.22 3.58
CA PRO B 161 1.46 27.94 2.35
C PRO B 161 0.08 27.59 1.84
N ILE B 162 -0.68 28.59 1.44
CA ILE B 162 -2.02 28.38 0.90
C ILE B 162 -2.12 28.93 -0.51
N ILE B 163 -2.67 28.13 -1.41
CA ILE B 163 -2.92 28.58 -2.78
C ILE B 163 -4.33 29.15 -2.82
N LEU B 164 -4.44 30.41 -3.21
CA LEU B 164 -5.74 31.05 -3.39
C LEU B 164 -6.02 31.16 -4.88
N MET B 165 -6.93 30.34 -5.36
CA MET B 165 -7.24 30.29 -6.79
C MET B 165 -8.38 31.23 -7.14
N HIS B 166 -8.32 31.82 -8.33
CA HIS B 166 -9.43 32.63 -8.79
C HIS B 166 -10.62 31.76 -9.15
N ASN B 167 -11.76 32.10 -8.55
CA ASN B 167 -13.02 31.45 -8.83
C ASN B 167 -14.16 32.41 -8.50
N ARG B 168 -15.30 32.21 -9.15
CA ARG B 168 -16.52 32.98 -8.85
C ARG B 168 -17.74 32.25 -9.37
N ASP B 169 -18.92 32.77 -9.06
CA ASP B 169 -20.19 32.08 -9.36
C ASP B 169 -20.87 32.52 -10.66
N ASN B 170 -20.16 33.30 -11.48
CA ASN B 170 -20.71 33.81 -12.73
C ASN B 170 -19.60 34.07 -13.74
N MET B 171 -19.95 34.62 -14.91
CA MET B 171 -18.95 34.96 -15.92
C MET B 171 -19.17 36.36 -16.51
N ASN B 172 -19.80 37.22 -15.70
CA ASN B 172 -20.06 38.60 -16.09
C ASN B 172 -18.87 39.46 -15.68
N TYR B 173 -17.80 39.37 -16.45
CA TYR B 173 -16.61 40.17 -16.24
C TYR B 173 -16.74 41.49 -16.97
N ARG B 174 -16.53 42.58 -16.25
CA ARG B 174 -16.48 43.92 -16.83
C ARG B 174 -15.16 44.11 -17.59
N ASN B 175 -14.09 43.61 -16.99
CA ASN B 175 -12.75 43.59 -17.56
C ASN B 175 -12.00 42.44 -16.91
N LEU B 176 -11.88 41.33 -17.65
CA LEU B 176 -11.46 40.04 -17.12
C LEU B 176 -10.29 40.15 -16.14
N MET B 177 -9.15 40.65 -16.61
CA MET B 177 -7.94 40.70 -15.80
C MET B 177 -8.05 41.62 -14.59
N ALA B 178 -8.67 42.78 -14.76
CA ALA B 178 -8.90 43.70 -13.66
C ALA B 178 -9.86 43.09 -12.65
N ASP B 179 -10.88 42.40 -13.14
CA ASP B 179 -11.83 41.69 -12.26
C ASP B 179 -11.19 40.50 -11.55
N MET B 180 -10.37 39.73 -12.27
CA MET B 180 -9.63 38.62 -11.69
C MET B 180 -8.70 39.09 -10.58
N ILE B 181 -7.94 40.14 -10.88
CA ILE B 181 -7.01 40.73 -9.91
C ILE B 181 -7.77 41.28 -8.70
N ALA B 182 -8.91 41.91 -8.95
CA ALA B 182 -9.77 42.41 -7.88
C ALA B 182 -10.28 41.27 -7.02
N ASP B 183 -10.66 40.16 -7.66
CA ASP B 183 -11.17 38.98 -6.96
C ASP B 183 -10.11 38.30 -6.11
N LEU B 184 -8.92 38.15 -6.69
CA LEU B 184 -7.79 37.58 -5.97
C LEU B 184 -7.42 38.43 -4.76
N TYR B 185 -7.50 39.76 -4.91
CA TYR B 185 -7.24 40.64 -3.76
CA TYR B 185 -7.22 40.62 -3.76
C TYR B 185 -8.25 40.43 -2.65
N ASP B 186 -9.51 40.19 -3.01
CA ASP B 186 -10.53 39.90 -2.01
C ASP B 186 -10.15 38.67 -1.17
N SER B 187 -9.57 37.67 -1.84
CA SER B 187 -9.06 36.46 -1.18
C SER B 187 -7.89 36.76 -0.25
N ILE B 188 -6.99 37.63 -0.70
CA ILE B 188 -5.80 37.99 0.07
C ILE B 188 -6.19 38.65 1.40
N LYS B 189 -7.11 39.60 1.35
CA LYS B 189 -7.60 40.25 2.56
C LYS B 189 -8.10 39.18 3.55
N ILE B 190 -8.95 38.28 3.08
CA ILE B 190 -9.49 37.20 3.92
C ILE B 190 -8.37 36.38 4.58
N ALA B 191 -7.37 36.01 3.79
CA ALA B 191 -6.23 35.26 4.28
C ALA B 191 -5.48 36.05 5.35
N LYS B 192 -5.05 37.26 5.02
CA LYS B 192 -4.25 38.09 5.93
C LYS B 192 -5.02 38.55 7.18
N ASP B 193 -6.32 38.77 7.01
CA ASP B 193 -7.21 39.09 8.12
C ASP B 193 -7.31 37.93 9.12
N ALA B 194 -7.03 36.71 8.65
CA ALA B 194 -7.05 35.53 9.52
C ALA B 194 -5.69 35.24 10.17
N GLY B 195 -4.66 35.97 9.73
CA GLY B 195 -3.32 35.85 10.31
C GLY B 195 -2.27 35.27 9.39
N VAL B 196 -2.68 34.80 8.20
CA VAL B 196 -1.76 34.21 7.23
C VAL B 196 -0.68 35.21 6.81
N ARG B 197 0.59 34.82 6.98
CA ARG B 197 1.71 35.66 6.56
C ARG B 197 1.72 35.79 5.06
N ASP B 198 2.26 36.90 4.57
CA ASP B 198 2.42 37.14 3.13
C ASP B 198 3.17 36.01 2.45
N GLU B 199 4.29 35.60 3.06
CA GLU B 199 5.17 34.60 2.49
C GLU B 199 4.50 33.22 2.37
N ASN B 200 3.30 33.10 2.95
CA ASN B 200 2.50 31.88 2.82
C ASN B 200 1.38 31.96 1.79
N ILE B 201 1.37 33.02 0.98
CA ILE B 201 0.31 33.19 -0.02
C ILE B 201 0.79 32.86 -1.43
N ILE B 202 0.01 32.05 -2.13
CA ILE B 202 0.22 31.76 -3.55
C ILE B 202 -1.10 32.03 -4.29
N LEU B 203 -0.98 32.73 -5.42
CA LEU B 203 -2.14 33.03 -6.25
C LEU B 203 -2.20 32.11 -7.46
N ASP B 204 -3.42 31.91 -7.97
CA ASP B 204 -3.67 31.05 -9.11
C ASP B 204 -4.79 31.71 -9.93
N PRO B 205 -4.58 31.86 -11.26
CA PRO B 205 -5.57 32.54 -12.09
C PRO B 205 -6.88 31.75 -12.24
N GLY B 206 -6.83 30.44 -12.00
CA GLY B 206 -8.01 29.60 -12.03
C GLY B 206 -8.52 29.31 -13.43
N ILE B 207 -7.62 28.92 -14.32
CA ILE B 207 -7.96 28.60 -15.70
C ILE B 207 -8.93 27.43 -15.70
N GLY B 208 -10.07 27.62 -16.37
CA GLY B 208 -11.08 26.59 -16.42
C GLY B 208 -12.22 26.82 -15.45
N PHE B 209 -12.10 27.84 -14.59
CA PHE B 209 -13.16 28.14 -13.64
C PHE B 209 -13.77 29.49 -13.91
N ALA B 210 -15.11 29.48 -14.01
CA ALA B 210 -15.92 30.68 -14.27
C ALA B 210 -15.43 31.49 -15.47
N LYS B 211 -15.05 30.78 -16.54
CA LYS B 211 -14.48 31.41 -17.72
C LYS B 211 -14.88 30.68 -19.00
N THR B 212 -15.39 31.43 -19.97
CA THR B 212 -15.69 30.89 -21.29
C THR B 212 -14.37 30.47 -21.95
N PRO B 213 -14.42 29.53 -22.92
CA PRO B 213 -13.19 29.14 -23.62
C PRO B 213 -12.28 30.32 -23.98
N GLU B 214 -12.85 31.41 -24.47
CA GLU B 214 -12.06 32.54 -24.94
C GLU B 214 -11.57 33.44 -23.80
N GLN B 215 -12.22 33.37 -22.65
CA GLN B 215 -11.77 34.08 -21.47
C GLN B 215 -10.54 33.41 -20.89
N ASN B 216 -10.48 32.09 -20.96
CA ASN B 216 -9.30 31.34 -20.56
C ASN B 216 -8.11 31.72 -21.42
N LEU B 217 -8.35 31.88 -22.72
CA LEU B 217 -7.31 32.29 -23.65
C LEU B 217 -6.81 33.67 -23.32
N GLU B 218 -7.74 34.55 -22.96
CA GLU B 218 -7.42 35.93 -22.63
C GLU B 218 -6.64 36.01 -21.32
N ALA B 219 -7.06 35.23 -20.33
CA ALA B 219 -6.34 35.12 -19.07
C ALA B 219 -4.90 34.66 -19.30
N MET B 220 -4.74 33.68 -20.18
CA MET B 220 -3.43 33.16 -20.56
C MET B 220 -2.58 34.20 -21.25
N ARG B 221 -3.21 34.97 -22.13
CA ARG B 221 -2.52 35.99 -22.92
C ARG B 221 -2.05 37.14 -22.03
N ASN B 222 -2.71 37.29 -20.89
CA ASN B 222 -2.45 38.43 -20.02
C ASN B 222 -1.96 38.01 -18.64
N LEU B 223 -1.49 36.78 -18.55
CA LEU B 223 -1.05 36.22 -17.27
C LEU B 223 -0.10 37.11 -16.47
N GLU B 224 0.82 37.80 -17.16
CA GLU B 224 1.85 38.59 -16.47
C GLU B 224 1.29 39.66 -15.53
N GLN B 225 0.05 40.11 -15.78
CA GLN B 225 -0.58 41.15 -14.97
C GLN B 225 -0.81 40.71 -13.53
N LEU B 226 -0.89 39.40 -13.30
CA LEU B 226 -1.00 38.87 -11.94
C LEU B 226 0.23 39.21 -11.11
N ASN B 227 1.38 39.36 -11.77
CA ASN B 227 2.65 39.61 -11.08
C ASN B 227 2.71 40.90 -10.27
N VAL B 228 1.89 41.89 -10.61
CA VAL B 228 1.93 43.15 -9.86
C VAL B 228 1.37 42.97 -8.46
N LEU B 229 0.68 41.87 -8.19
CA LEU B 229 0.17 41.63 -6.84
C LEU B 229 1.28 41.30 -5.85
N GLY B 230 2.39 40.76 -6.35
CA GLY B 230 3.58 40.53 -5.53
C GLY B 230 3.74 39.15 -4.94
N TYR B 231 2.83 38.24 -5.28
CA TYR B 231 2.86 36.88 -4.74
C TYR B 231 3.22 35.86 -5.82
N PRO B 232 3.84 34.73 -5.41
CA PRO B 232 4.10 33.71 -6.41
C PRO B 232 2.80 33.27 -7.06
N VAL B 233 2.89 32.76 -8.28
CA VAL B 233 1.71 32.37 -9.03
C VAL B 233 1.80 30.91 -9.47
N LEU B 234 0.70 30.18 -9.28
CA LEU B 234 0.59 28.80 -9.75
C LEU B 234 -0.38 28.73 -10.93
N LEU B 235 0.05 28.04 -11.98
CA LEU B 235 -0.80 27.85 -13.16
C LEU B 235 -1.27 26.41 -13.30
N GLY B 236 -2.58 26.24 -13.45
CA GLY B 236 -3.18 24.92 -13.64
C GLY B 236 -4.00 24.85 -14.90
N THR B 237 -3.41 24.28 -15.95
CA THR B 237 -4.05 24.22 -17.27
C THR B 237 -4.11 22.81 -17.83
N SER B 238 -3.58 21.84 -17.08
CA SER B 238 -3.35 20.50 -17.58
C SER B 238 -4.62 19.83 -18.13
N ARG B 239 -4.57 19.50 -19.42
CA ARG B 239 -5.62 18.73 -20.12
C ARG B 239 -7.04 19.35 -20.13
N LYS B 240 -7.16 20.64 -19.82
CA LYS B 240 -8.47 21.28 -19.65
C LYS B 240 -9.23 21.55 -20.96
N SER B 241 -10.52 21.85 -20.83
CA SER B 241 -11.42 22.03 -21.98
C SER B 241 -10.94 23.04 -23.02
N PHE B 242 -10.42 24.17 -22.56
CA PHE B 242 -10.01 25.23 -23.50
C PHE B 242 -8.91 24.79 -24.45
N ILE B 243 -8.16 23.75 -24.07
CA ILE B 243 -7.21 23.15 -25.00
C ILE B 243 -7.95 22.33 -26.06
N GLY B 244 -8.94 21.55 -25.63
CA GLY B 244 -9.79 20.79 -26.54
C GLY B 244 -10.54 21.71 -27.49
N HIS B 245 -11.02 22.84 -26.98
CA HIS B 245 -11.72 23.81 -27.81
C HIS B 245 -10.85 24.31 -28.96
N VAL B 246 -9.59 24.62 -28.66
CA VAL B 246 -8.65 25.14 -29.64
C VAL B 246 -8.18 24.04 -30.61
N LEU B 247 -7.73 22.92 -30.04
CA LEU B 247 -7.10 21.87 -30.84
C LEU B 247 -8.09 20.87 -31.41
N ASP B 248 -9.34 20.97 -30.97
CA ASP B 248 -10.41 19.99 -31.28
C ASP B 248 -9.91 18.56 -31.10
N LEU B 249 -9.55 18.25 -29.86
CA LEU B 249 -8.97 16.96 -29.48
C LEU B 249 -9.43 16.58 -28.08
N PRO B 250 -9.67 15.27 -27.84
CA PRO B 250 -10.16 14.86 -26.52
C PRO B 250 -9.10 14.95 -25.43
N VAL B 251 -9.52 14.74 -24.18
CA VAL B 251 -8.68 14.90 -22.98
C VAL B 251 -7.34 14.17 -23.02
N GLU B 252 -7.31 12.94 -23.53
CA GLU B 252 -6.08 12.15 -23.55
C GLU B 252 -5.15 12.55 -24.70
N GLU B 253 -5.57 13.52 -25.50
CA GLU B 253 -4.77 14.08 -26.59
C GLU B 253 -4.40 15.56 -26.37
N ARG B 254 -4.16 15.97 -25.12
CA ARG B 254 -3.89 17.38 -24.84
C ARG B 254 -2.52 17.63 -24.21
N LEU B 255 -1.57 16.73 -24.47
CA LEU B 255 -0.23 16.87 -23.93
C LEU B 255 0.49 18.08 -24.54
N GLU B 256 0.53 18.12 -25.87
CA GLU B 256 1.13 19.24 -26.60
C GLU B 256 0.45 20.56 -26.26
N GLY B 257 -0.88 20.56 -26.21
CA GLY B 257 -1.65 21.72 -25.80
C GLY B 257 -1.27 22.21 -24.41
N THR B 258 -1.24 21.29 -23.44
CA THR B 258 -0.81 21.60 -22.08
C THR B 258 0.59 22.21 -22.11
N GLY B 259 1.46 21.57 -22.89
CA GLY B 259 2.83 22.02 -23.10
C GLY B 259 2.90 23.49 -23.46
N ALA B 260 2.18 23.88 -24.50
CA ALA B 260 2.14 25.27 -24.93
C ALA B 260 1.73 26.21 -23.80
N THR B 261 0.75 25.80 -23.00
CA THR B 261 0.23 26.65 -21.93
C THR B 261 1.23 26.77 -20.78
N VAL B 262 1.92 25.68 -20.47
CA VAL B 262 2.99 25.67 -19.48
C VAL B 262 4.13 26.61 -19.90
N CYS B 263 4.53 26.54 -21.17
CA CYS B 263 5.59 27.40 -21.67
C CYS B 263 5.21 28.87 -21.57
N LEU B 264 4.05 29.24 -22.11
CA LEU B 264 3.62 30.63 -22.06
C LEU B 264 3.51 31.12 -20.62
N GLY B 265 2.98 30.25 -19.75
CA GLY B 265 2.80 30.55 -18.33
C GLY B 265 4.12 30.88 -17.66
N ILE B 266 5.12 30.04 -17.92
CA ILE B 266 6.46 30.23 -17.37
C ILE B 266 7.11 31.49 -17.92
N GLU B 267 7.00 31.70 -19.23
CA GLU B 267 7.56 32.92 -19.80
C GLU B 267 6.87 34.16 -19.21
N LYS B 268 5.66 33.97 -18.69
CA LYS B 268 4.91 35.07 -18.11
C LYS B 268 5.10 35.25 -16.60
N GLY B 269 5.92 34.38 -16.01
CA GLY B 269 6.37 34.55 -14.63
C GLY B 269 5.75 33.68 -13.55
N CYS B 270 5.22 32.53 -13.94
N CYS B 270 5.18 32.55 -13.92
CA CYS B 270 4.67 31.56 -13.00
CA CYS B 270 4.61 31.68 -12.90
C CYS B 270 5.78 30.87 -12.21
C CYS B 270 5.70 30.84 -12.22
N GLU B 271 5.48 30.56 -10.94
CA GLU B 271 6.44 29.86 -10.11
C GLU B 271 6.15 28.37 -10.02
N PHE B 272 4.89 28.00 -10.28
CA PHE B 272 4.43 26.62 -10.22
C PHE B 272 3.52 26.31 -11.39
N VAL B 273 3.55 25.06 -11.85
CA VAL B 273 2.53 24.56 -12.76
C VAL B 273 1.96 23.26 -12.19
N ARG B 274 0.66 23.09 -12.32
CA ARG B 274 -0.03 21.93 -11.79
C ARG B 274 -0.46 21.01 -12.93
N VAL B 275 0.23 19.87 -13.06
CA VAL B 275 0.15 19.05 -14.28
C VAL B 275 -0.04 17.54 -14.03
N HIS B 276 -0.67 16.87 -14.99
CA HIS B 276 -0.77 15.41 -14.99
C HIS B 276 0.50 14.75 -15.53
N ASP B 277 1.01 15.28 -16.63
CA ASP B 277 2.07 14.64 -17.38
C ASP B 277 3.43 15.16 -16.93
N VAL B 278 3.85 14.69 -15.76
CA VAL B 278 4.99 15.25 -15.05
C VAL B 278 6.27 15.14 -15.86
N LYS B 279 6.57 13.94 -16.36
CA LYS B 279 7.79 13.72 -17.13
C LYS B 279 7.90 14.71 -18.29
N GLU B 280 6.87 14.77 -19.12
CA GLU B 280 6.89 15.64 -20.29
C GLU B 280 6.94 17.12 -19.91
N MET B 281 6.14 17.52 -18.93
CA MET B 281 6.09 18.92 -18.49
C MET B 281 7.36 19.36 -17.76
N SER B 282 7.99 18.44 -17.01
CA SER B 282 9.24 18.74 -16.31
C SER B 282 10.35 19.14 -17.29
N ARG B 283 10.45 18.37 -18.37
CA ARG B 283 11.44 18.64 -19.42
C ARG B 283 11.18 19.99 -20.08
N MET B 284 9.92 20.27 -20.36
CA MET B 284 9.55 21.53 -21.00
C MET B 284 9.79 22.71 -20.08
N ALA B 285 9.41 22.55 -18.82
CA ALA B 285 9.63 23.56 -17.80
C ALA B 285 11.12 23.83 -17.62
N LYS B 286 11.91 22.76 -17.63
CA LYS B 286 13.36 22.88 -17.48
C LYS B 286 13.97 23.66 -18.65
N MET B 287 13.49 23.40 -19.87
CA MET B 287 14.00 24.08 -21.06
C MET B 287 13.64 25.57 -21.07
N MET B 288 12.43 25.89 -20.61
CA MET B 288 12.00 27.28 -20.43
C MET B 288 12.87 28.01 -19.44
N ASP B 289 13.09 27.41 -18.26
CA ASP B 289 13.95 27.99 -17.25
C ASP B 289 15.28 28.43 -17.85
N ALA B 290 15.88 27.55 -18.64
CA ALA B 290 17.18 27.84 -19.23
C ALA B 290 17.10 29.02 -20.18
N MET B 291 16.03 29.06 -20.97
CA MET B 291 15.92 30.08 -22.00
C MET B 291 15.61 31.44 -21.41
N ILE B 292 14.60 31.53 -20.54
CA ILE B 292 14.27 32.81 -19.88
C ILE B 292 15.36 33.23 -18.89
N GLY B 293 16.23 32.29 -18.53
CA GLY B 293 17.35 32.57 -17.63
C GLY B 293 16.98 32.46 -16.17
N LYS B 294 15.90 31.76 -15.87
CA LYS B 294 15.47 31.52 -14.48
C LYS B 294 16.51 30.72 -13.70
#